data_1TX0
#
_entry.id   1TX0
#
_cell.length_a   97.547
_cell.length_b   97.547
_cell.length_c   263.158
_cell.angle_alpha   90.00
_cell.angle_beta   90.00
_cell.angle_gamma   120.00
#
_symmetry.space_group_name_H-M   'P 62 2 2'
#
loop_
_entity.id
_entity.type
_entity.pdbx_description
1 polymer 'DHPS, Dihydropteroate synthase'
2 non-polymer 'SULFATE ION'
3 non-polymer 'PTEROIC ACID'
4 water water
#
_entity_poly.entity_id   1
_entity_poly.type   'polypeptide(L)'
_entity_poly.pdbx_seq_one_letter_code
;MGSSHHHHHHSSGLVPRGSHMKWDYDLRCGEYTLNLNEKTLIMGILNVTPDSFSDGGSYNEVDAAVRHAKEMRDEGAHII
DIGGESTRPGFAKVSVEEEIKRVVPMIQAVSKEVKLPISIDTYKAEVAKQAIEAGAHIINDIWGAKAEPKIAEVAAHYDV
PIILMHNRDNMNYRNLMADMIADLYDSIKIAKDAGVRDENIILDPGIGFAKTPEQNLEAMRNLEQLNVLGYPVLLGTSRK
SFIGHVLDLPVEERLEGTGATVCLGIEKGCEFVRVHDVKEMSRMAKMMDAMIGKGVK
;
_entity_poly.pdbx_strand_id   A,B
#
loop_
_chem_comp.id
_chem_comp.type
_chem_comp.name
_chem_comp.formula
PT1 non-polymer 'PTEROIC ACID' 'C14 H12 N6 O3'
SO4 non-polymer 'SULFATE ION' 'O4 S -2'
#
# COMPACT_ATOMS: atom_id res chain seq x y z
N LYS A 22 5.77 31.71 26.96
CA LYS A 22 4.89 32.61 26.15
C LYS A 22 3.47 32.09 25.85
N TRP A 23 3.29 30.93 25.23
CA TRP A 23 1.94 30.35 25.21
C TRP A 23 1.68 29.55 26.48
N ASP A 24 0.57 29.81 27.17
CA ASP A 24 0.39 29.15 28.48
C ASP A 24 -0.45 27.87 28.39
N TYR A 25 -0.57 27.34 27.17
CA TYR A 25 -1.19 26.05 26.90
C TYR A 25 -0.45 25.34 25.76
N ASP A 26 -0.72 24.05 25.64
CA ASP A 26 -0.29 23.21 24.52
C ASP A 26 -1.43 23.02 23.55
N LEU A 27 -1.11 22.63 22.33
CA LEU A 27 -2.10 22.32 21.32
C LEU A 27 -2.50 20.87 21.49
N ARG A 28 -3.76 20.65 21.82
CA ARG A 28 -4.25 19.31 22.10
C ARG A 28 -4.87 18.73 20.83
N CYS A 29 -4.22 17.70 20.31
CA CYS A 29 -4.77 16.93 19.18
C CYS A 29 -4.96 15.43 19.51
N GLY A 30 -6.04 15.12 20.23
CA GLY A 30 -6.36 13.75 20.68
C GLY A 30 -5.18 13.05 21.35
N GLU A 31 -4.61 12.06 20.67
CA GLU A 31 -3.47 11.31 21.19
C GLU A 31 -2.10 12.06 21.15
N TYR A 32 -2.02 13.16 20.41
CA TYR A 32 -0.75 13.91 20.31
C TYR A 32 -0.87 15.28 20.94
N THR A 33 0.22 15.75 21.53
CA THR A 33 0.29 17.12 22.06
C THR A 33 1.37 17.90 21.31
N LEU A 34 1.03 19.11 20.89
CA LEU A 34 2.02 19.98 20.25
C LEU A 34 2.37 21.13 21.18
N ASN A 35 3.59 21.13 21.69
CA ASN A 35 4.07 22.26 22.49
C ASN A 35 4.38 23.46 21.57
N LEU A 36 3.99 24.66 21.95
CA LEU A 36 4.17 25.84 21.09
C LEU A 36 5.34 26.72 21.48
N ASN A 37 6.00 26.38 22.57
CA ASN A 37 7.04 27.22 23.09
C ASN A 37 8.43 26.71 22.77
N GLU A 38 8.50 25.45 22.39
CA GLU A 38 9.74 24.71 22.42
C GLU A 38 10.44 24.86 21.06
N LYS A 39 9.67 24.71 19.99
CA LYS A 39 10.25 24.86 18.67
C LYS A 39 9.14 25.26 17.73
N THR A 40 9.52 25.84 16.60
CA THR A 40 8.67 25.99 15.44
C THR A 40 8.25 24.66 14.87
N LEU A 41 6.96 24.53 14.56
CA LEU A 41 6.40 23.24 14.18
C LEU A 41 6.21 23.16 12.68
N ILE A 42 6.65 22.05 12.12
CA ILE A 42 6.70 21.89 10.68
C ILE A 42 5.50 21.12 10.23
N MET A 43 4.64 21.72 9.43
CA MET A 43 3.53 20.95 8.85
C MET A 43 3.93 20.51 7.44
N GLY A 44 4.01 19.19 7.20
CA GLY A 44 4.52 18.68 5.92
C GLY A 44 3.36 18.55 4.96
N ILE A 45 3.52 18.88 3.70
CA ILE A 45 2.40 18.94 2.77
C ILE A 45 2.36 17.61 2.04
N LEU A 46 1.45 16.72 2.47
CA LEU A 46 1.35 15.38 1.89
C LEU A 46 0.95 15.51 0.44
N ASN A 47 1.72 14.88 -0.45
CA ASN A 47 1.35 14.92 -1.85
C ASN A 47 0.45 13.75 -2.28
N VAL A 48 -0.54 14.09 -3.12
CA VAL A 48 -1.68 13.21 -3.33
C VAL A 48 -1.94 13.03 -4.83
N THR A 49 -0.99 12.38 -5.50
CA THR A 49 -1.18 11.97 -6.89
C THR A 49 -2.23 10.85 -6.97
N PRO A 50 -3.36 11.12 -7.64
CA PRO A 50 -4.45 10.14 -7.73
C PRO A 50 -4.20 9.13 -8.83
N ASP A 51 -4.77 7.94 -8.69
CA ASP A 51 -4.80 6.98 -9.79
C ASP A 51 -5.89 7.38 -10.75
N SER A 52 -5.53 7.46 -12.02
CA SER A 52 -6.48 7.91 -13.05
C SER A 52 -7.68 6.98 -13.13
N PHE A 53 -7.49 5.72 -12.74
CA PHE A 53 -8.54 4.74 -12.95
C PHE A 53 -9.49 4.58 -11.76
N SER A 54 -9.02 4.84 -10.55
CA SER A 54 -9.91 4.82 -9.41
C SER A 54 -10.47 6.21 -9.10
N ASP A 55 -11.57 6.21 -8.37
CA ASP A 55 -11.99 7.34 -7.57
C ASP A 55 -11.63 6.93 -6.14
N GLY A 56 -11.36 5.63 -5.96
CA GLY A 56 -11.25 4.99 -4.66
C GLY A 56 -9.99 5.25 -3.87
N GLY A 57 -9.69 4.32 -2.97
CA GLY A 57 -8.43 4.34 -2.25
C GLY A 57 -7.60 3.18 -2.78
N SER A 58 -7.19 3.32 -4.04
CA SER A 58 -6.42 2.33 -4.76
C SER A 58 -5.08 2.13 -4.08
N TYR A 59 -4.41 1.02 -4.40
CA TYR A 59 -3.10 0.62 -3.81
C TYR A 59 -1.91 1.53 -4.20
N ASN A 60 -1.77 1.90 -5.48
CA ASN A 60 -0.67 2.81 -5.91
C ASN A 60 -0.67 4.23 -5.26
N GLU A 61 -1.84 4.87 -5.20
CA GLU A 61 -1.97 6.22 -4.61
C GLU A 61 -1.89 6.18 -3.09
N VAL A 62 -2.60 5.23 -2.45
CA VAL A 62 -2.63 5.22 -0.99
C VAL A 62 -1.23 4.94 -0.47
N ASP A 63 -0.55 4.02 -1.14
CA ASP A 63 0.84 3.69 -0.81
C ASP A 63 1.83 4.84 -1.13
N ALA A 64 1.61 5.59 -2.20
CA ALA A 64 2.50 6.71 -2.54
C ALA A 64 2.46 7.75 -1.41
N ALA A 65 1.24 8.09 -1.00
CA ALA A 65 0.97 8.91 0.18
C ALA A 65 1.64 8.44 1.47
N VAL A 66 1.35 7.20 1.88
CA VAL A 66 1.93 6.65 3.11
C VAL A 66 3.47 6.80 3.08
N ARG A 67 4.12 6.39 1.98
CA ARG A 67 5.58 6.44 1.87
C ARG A 67 6.05 7.91 2.03
N HIS A 68 5.33 8.84 1.40
CA HIS A 68 5.66 10.25 1.48
C HIS A 68 5.51 10.78 2.92
N ALA A 69 4.48 10.31 3.61
CA ALA A 69 4.26 10.66 5.00
C ALA A 69 5.38 10.18 5.89
N LYS A 70 5.87 8.97 5.66
CA LYS A 70 6.97 8.41 6.45
C LYS A 70 8.27 9.20 6.20
N GLU A 71 8.49 9.54 4.95
CA GLU A 71 9.64 10.34 4.54
C GLU A 71 9.62 11.69 5.32
N MET A 72 8.51 12.39 5.29
CA MET A 72 8.41 13.69 6.00
C MET A 72 8.57 13.59 7.49
N ARG A 73 8.10 12.49 8.07
CA ARG A 73 8.28 12.23 9.48
C ARG A 73 9.75 12.01 9.80
N ASP A 74 10.41 11.17 9.02
CA ASP A 74 11.85 10.95 9.23
C ASP A 74 12.65 12.24 8.96
N GLU A 75 12.08 13.19 8.22
CA GLU A 75 12.75 14.46 7.90
C GLU A 75 12.57 15.55 8.98
N GLY A 76 11.61 15.36 9.89
CA GLY A 76 11.33 16.36 10.92
C GLY A 76 9.95 17.04 10.90
N ALA A 77 9.01 16.56 10.10
CA ALA A 77 7.67 17.12 10.13
C ALA A 77 6.95 16.81 11.46
N HIS A 78 6.07 17.70 11.92
CA HIS A 78 5.38 17.47 13.18
C HIS A 78 3.91 17.24 12.97
N ILE A 79 3.44 17.63 11.78
CA ILE A 79 2.04 17.45 11.39
C ILE A 79 2.10 17.07 9.93
N ILE A 80 1.19 16.21 9.50
CA ILE A 80 1.06 15.90 8.08
C ILE A 80 -0.20 16.52 7.60
N ASP A 81 -0.10 17.32 6.54
CA ASP A 81 -1.28 18.03 6.02
C ASP A 81 -1.77 17.28 4.78
N ILE A 82 -3.02 16.86 4.76
CA ILE A 82 -3.58 16.06 3.66
C ILE A 82 -4.73 16.80 2.98
N GLY A 83 -4.70 16.91 1.66
CA GLY A 83 -5.73 17.62 0.94
C GLY A 83 -6.38 16.85 -0.21
N GLY A 84 -7.71 16.92 -0.29
CA GLY A 84 -8.44 16.35 -1.43
C GLY A 84 -9.21 17.38 -2.25
N LYS A 93 -12.19 21.94 -8.96
CA LYS A 93 -13.63 21.80 -8.89
C LYS A 93 -14.04 20.34 -8.72
N VAL A 94 -14.68 20.05 -7.58
CA VAL A 94 -15.00 18.67 -7.23
C VAL A 94 -16.15 18.56 -6.21
N SER A 95 -16.89 17.46 -6.26
CA SER A 95 -18.00 17.19 -5.33
C SER A 95 -17.55 16.72 -3.94
N VAL A 96 -18.40 16.97 -2.96
CA VAL A 96 -18.25 16.46 -1.60
C VAL A 96 -17.98 14.94 -1.56
N GLU A 97 -18.88 14.13 -2.14
CA GLU A 97 -18.70 12.67 -2.06
C GLU A 97 -17.42 12.20 -2.73
N GLU A 98 -17.07 12.82 -3.86
CA GLU A 98 -15.82 12.59 -4.58
C GLU A 98 -14.53 13.00 -3.84
N GLU A 99 -14.60 14.07 -3.03
CA GLU A 99 -13.44 14.52 -2.25
C GLU A 99 -13.25 13.59 -1.04
N ILE A 100 -14.36 13.08 -0.53
CA ILE A 100 -14.35 12.18 0.63
C ILE A 100 -13.79 10.81 0.25
N LYS A 101 -14.19 10.32 -0.90
CA LYS A 101 -13.71 9.04 -1.41
C LYS A 101 -12.18 9.03 -1.52
N ARG A 102 -11.64 10.13 -2.05
CA ARG A 102 -10.21 10.30 -2.26
C ARG A 102 -9.45 10.44 -0.95
N VAL A 103 -9.99 11.23 -0.02
CA VAL A 103 -9.23 11.65 1.14
C VAL A 103 -9.33 10.74 2.37
N VAL A 104 -10.49 10.13 2.59
CA VAL A 104 -10.68 9.24 3.73
C VAL A 104 -9.64 8.06 3.77
N PRO A 105 -9.44 7.32 2.66
CA PRO A 105 -8.51 6.18 2.67
C PRO A 105 -7.09 6.65 2.94
N MET A 106 -6.78 7.85 2.48
CA MET A 106 -5.49 8.42 2.80
C MET A 106 -5.32 8.75 4.27
N ILE A 107 -6.28 9.45 4.87
CA ILE A 107 -6.21 9.67 6.32
C ILE A 107 -6.09 8.36 7.14
N GLN A 108 -6.93 7.37 6.81
CA GLN A 108 -6.90 6.06 7.48
C GLN A 108 -5.53 5.40 7.41
N ALA A 109 -5.01 5.22 6.20
CA ALA A 109 -3.70 4.60 6.04
C ALA A 109 -2.56 5.37 6.72
N VAL A 110 -2.60 6.71 6.63
CA VAL A 110 -1.51 7.53 7.18
C VAL A 110 -1.60 7.56 8.70
N SER A 111 -2.82 7.70 9.24
CA SER A 111 -2.98 7.82 10.70
C SER A 111 -2.55 6.55 11.41
N LYS A 112 -2.84 5.41 10.77
CA LYS A 112 -2.43 4.12 11.29
C LYS A 112 -0.93 3.89 11.15
N GLU A 113 -0.37 4.26 10.00
CA GLU A 113 1.02 3.92 9.70
C GLU A 113 2.06 4.99 10.11
N VAL A 114 1.60 6.22 10.35
CA VAL A 114 2.47 7.33 10.78
C VAL A 114 1.97 8.04 12.07
N LYS A 115 2.84 8.04 13.08
CA LYS A 115 2.52 8.60 14.41
C LYS A 115 2.74 10.14 14.53
N LEU A 116 1.93 10.89 13.80
CA LEU A 116 1.90 12.33 13.91
C LEU A 116 0.48 12.75 13.67
N PRO A 117 0.08 13.89 14.25
CA PRO A 117 -1.25 14.42 13.98
C PRO A 117 -1.41 14.79 12.50
N ILE A 118 -2.65 14.64 12.06
CA ILE A 118 -3.01 14.92 10.70
C ILE A 118 -3.92 16.12 10.69
N SER A 119 -3.64 17.06 9.77
CA SER A 119 -4.58 18.12 9.46
C SER A 119 -5.29 17.78 8.15
N ILE A 120 -6.58 18.09 8.06
CA ILE A 120 -7.35 17.91 6.85
C ILE A 120 -7.56 19.25 6.20
N ASP A 121 -7.00 19.35 5.01
CA ASP A 121 -7.01 20.57 4.24
C ASP A 121 -8.28 20.66 3.39
N THR A 122 -9.38 21.09 4.00
CA THR A 122 -10.66 21.29 3.29
C THR A 122 -11.41 22.56 3.77
N TYR A 123 -12.31 23.07 2.95
CA TYR A 123 -13.21 24.12 3.42
C TYR A 123 -14.69 23.66 3.54
N LYS A 124 -14.90 22.34 3.59
CA LYS A 124 -16.25 21.75 3.51
C LYS A 124 -16.58 21.02 4.79
N ALA A 125 -17.70 21.36 5.39
CA ALA A 125 -18.03 20.80 6.69
C ALA A 125 -18.14 19.27 6.63
N GLU A 126 -18.66 18.73 5.54
CA GLU A 126 -18.86 17.27 5.45
C GLU A 126 -17.52 16.54 5.31
N VAL A 127 -16.66 17.07 4.43
CA VAL A 127 -15.29 16.53 4.25
C VAL A 127 -14.59 16.51 5.62
N ALA A 128 -14.69 17.64 6.33
CA ALA A 128 -14.06 17.78 7.63
C ALA A 128 -14.54 16.72 8.62
N LYS A 129 -15.87 16.58 8.75
CA LYS A 129 -16.44 15.50 9.58
C LYS A 129 -15.78 14.15 9.24
N GLN A 130 -15.96 13.70 7.99
CA GLN A 130 -15.47 12.38 7.54
C GLN A 130 -14.01 12.16 7.88
N ALA A 131 -13.20 13.23 7.67
CA ALA A 131 -11.77 13.15 7.87
C ALA A 131 -11.41 12.94 9.33
N ILE A 132 -12.05 13.71 10.19
CA ILE A 132 -11.86 13.59 11.64
C ILE A 132 -12.23 12.16 12.14
N GLU A 133 -13.39 11.68 11.67
CA GLU A 133 -13.87 10.32 11.95
C GLU A 133 -12.88 9.30 11.44
N ALA A 134 -12.28 9.61 10.27
CA ALA A 134 -11.31 8.73 9.63
C ALA A 134 -9.96 8.82 10.30
N GLY A 135 -9.80 9.77 11.20
CA GLY A 135 -8.58 9.83 11.98
C GLY A 135 -7.83 11.16 12.01
N ALA A 136 -8.26 12.11 11.18
CA ALA A 136 -7.71 13.49 11.14
C ALA A 136 -7.84 14.25 12.47
N HIS A 137 -6.78 14.94 12.86
CA HIS A 137 -6.74 15.70 14.12
C HIS A 137 -6.92 17.21 14.08
N ILE A 138 -6.71 17.87 12.94
CA ILE A 138 -6.75 19.35 12.88
C ILE A 138 -7.55 19.72 11.66
N ILE A 139 -8.44 20.70 11.75
CA ILE A 139 -9.06 21.20 10.53
C ILE A 139 -8.21 22.36 9.93
N ASN A 140 -7.99 22.31 8.61
CA ASN A 140 -7.19 23.31 7.92
C ASN A 140 -8.03 23.95 6.82
N ASP A 141 -8.61 25.10 7.14
CA ASP A 141 -9.60 25.73 6.29
C ASP A 141 -9.14 26.99 5.57
N ILE A 142 -8.96 26.89 4.25
CA ILE A 142 -8.50 28.01 3.45
C ILE A 142 -9.56 29.11 3.26
N TRP A 143 -10.79 28.88 3.71
CA TRP A 143 -11.79 29.94 3.62
C TRP A 143 -12.16 30.45 4.98
N GLY A 144 -11.45 29.96 5.99
CA GLY A 144 -11.59 30.49 7.33
C GLY A 144 -13.02 30.47 7.84
N ALA A 145 -13.73 29.38 7.51
CA ALA A 145 -15.07 29.09 8.02
C ALA A 145 -16.08 29.98 7.37
N LYS A 146 -15.68 30.67 6.30
CA LYS A 146 -16.59 31.57 5.62
C LYS A 146 -17.33 30.91 4.42
N ALA A 147 -16.72 29.89 3.82
CA ALA A 147 -17.34 29.21 2.68
C ALA A 147 -18.48 28.33 3.18
N GLU A 148 -18.19 27.54 4.22
CA GLU A 148 -19.15 26.68 4.87
C GLU A 148 -19.07 26.85 6.39
N PRO A 149 -19.71 27.89 6.94
CA PRO A 149 -19.68 28.17 8.39
C PRO A 149 -19.92 26.95 9.29
N LYS A 150 -20.63 25.95 8.77
CA LYS A 150 -20.92 24.73 9.52
C LYS A 150 -19.64 23.97 9.91
N ILE A 151 -18.53 24.20 9.18
CA ILE A 151 -17.24 23.59 9.50
C ILE A 151 -16.81 23.93 10.92
N ALA A 152 -17.10 25.15 11.34
CA ALA A 152 -16.79 25.61 12.69
C ALA A 152 -17.58 24.83 13.75
N GLU A 153 -18.83 24.46 13.42
CA GLU A 153 -19.62 23.53 14.23
C GLU A 153 -18.97 22.14 14.33
N VAL A 154 -18.50 21.63 13.19
CA VAL A 154 -17.77 20.37 13.15
C VAL A 154 -16.56 20.41 14.10
N ALA A 155 -15.72 21.45 13.97
CA ALA A 155 -14.57 21.61 14.86
C ALA A 155 -14.98 21.75 16.32
N ALA A 156 -15.98 22.60 16.56
CA ALA A 156 -16.53 22.79 17.91
C ALA A 156 -16.94 21.46 18.58
N HIS A 157 -17.59 20.57 17.83
CA HIS A 157 -17.99 19.25 18.38
C HIS A 157 -16.88 18.26 18.67
N TYR A 158 -15.86 18.20 17.80
CA TYR A 158 -14.88 17.14 17.99
C TYR A 158 -13.79 17.69 18.87
N ASP A 159 -13.96 18.97 19.18
CA ASP A 159 -12.99 19.63 19.99
C ASP A 159 -11.56 19.67 19.36
N VAL A 160 -11.48 19.86 18.04
CA VAL A 160 -10.18 19.90 17.36
C VAL A 160 -9.66 21.31 17.00
N PRO A 161 -8.35 21.47 16.83
CA PRO A 161 -7.80 22.74 16.32
C PRO A 161 -8.30 23.01 14.91
N ILE A 162 -8.72 24.25 14.67
CA ILE A 162 -9.05 24.69 13.33
C ILE A 162 -8.14 25.88 12.89
N ILE A 163 -7.62 25.78 11.69
CA ILE A 163 -6.76 26.81 11.16
C ILE A 163 -7.63 27.68 10.28
N LEU A 164 -7.73 28.96 10.62
CA LEU A 164 -8.55 29.89 9.87
C LEU A 164 -7.66 30.71 8.99
N MET A 165 -7.70 30.45 7.69
CA MET A 165 -6.84 31.17 6.76
C MET A 165 -7.52 32.41 6.20
N HIS A 166 -6.77 33.49 6.06
CA HIS A 166 -7.30 34.69 5.39
C HIS A 166 -7.51 34.52 3.89
N ASN A 167 -8.67 34.95 3.43
CA ASN A 167 -9.04 34.78 2.04
C ASN A 167 -10.15 35.75 1.76
N ARG A 168 -10.36 36.07 0.49
CA ARG A 168 -11.55 36.81 0.07
C ARG A 168 -11.68 36.69 -1.44
N ASP A 169 -12.80 37.15 -1.98
CA ASP A 169 -13.05 37.03 -3.42
C ASP A 169 -12.65 38.29 -4.23
N ASN A 170 -11.70 39.08 -3.73
CA ASN A 170 -11.23 40.30 -4.40
C ASN A 170 -9.92 40.80 -3.80
N MET A 171 -9.33 41.81 -4.42
CA MET A 171 -7.99 42.27 -4.09
C MET A 171 -8.06 43.76 -3.79
N ASN A 172 -9.26 44.19 -3.39
CA ASN A 172 -9.47 45.60 -3.19
C ASN A 172 -9.31 45.99 -1.73
N TYR A 173 -8.07 46.28 -1.35
CA TYR A 173 -7.75 46.62 0.01
C TYR A 173 -7.65 48.13 0.20
N ARG A 174 -8.24 48.63 1.27
CA ARG A 174 -7.99 49.97 1.75
C ARG A 174 -6.59 50.05 2.37
N ASN A 175 -6.35 49.15 3.33
CA ASN A 175 -5.08 48.97 4.02
C ASN A 175 -4.91 47.46 4.27
N LEU A 176 -4.08 46.84 3.42
CA LEU A 176 -3.87 45.38 3.37
C LEU A 176 -3.85 44.69 4.73
N MET A 177 -2.99 45.20 5.62
CA MET A 177 -2.81 44.55 6.91
C MET A 177 -4.02 44.68 7.80
N ALA A 178 -4.58 45.90 7.81
CA ALA A 178 -5.71 46.23 8.67
C ALA A 178 -6.91 45.45 8.22
N ASP A 179 -7.09 45.35 6.92
CA ASP A 179 -8.15 44.50 6.35
C ASP A 179 -7.99 43.01 6.58
N MET A 180 -6.77 42.50 6.42
CA MET A 180 -6.47 41.10 6.70
C MET A 180 -6.89 40.77 8.16
N ILE A 181 -6.49 41.62 9.09
CA ILE A 181 -6.81 41.45 10.50
C ILE A 181 -8.31 41.53 10.74
N ALA A 182 -8.96 42.52 10.11
CA ALA A 182 -10.40 42.61 10.09
C ALA A 182 -11.07 41.34 9.55
N ASP A 183 -10.61 40.86 8.40
CA ASP A 183 -11.20 39.65 7.82
C ASP A 183 -10.97 38.43 8.68
N LEU A 184 -9.80 38.33 9.31
CA LEU A 184 -9.49 37.17 10.16
C LEU A 184 -10.34 37.26 11.39
N TYR A 185 -10.55 38.47 11.87
CA TYR A 185 -11.41 38.61 13.00
C TYR A 185 -12.84 38.09 12.69
N ASP A 186 -13.33 38.32 11.47
CA ASP A 186 -14.64 37.78 11.06
C ASP A 186 -14.67 36.25 11.16
N SER A 187 -13.55 35.58 10.84
CA SER A 187 -13.48 34.12 10.96
C SER A 187 -13.52 33.67 12.39
N ILE A 188 -12.80 34.40 13.24
CA ILE A 188 -12.79 34.11 14.66
C ILE A 188 -14.20 34.23 15.22
N LYS A 189 -14.96 35.25 14.83
CA LYS A 189 -16.34 35.44 15.31
C LYS A 189 -17.20 34.24 14.93
N ILE A 190 -17.10 33.78 13.68
CA ILE A 190 -17.80 32.59 13.21
C ILE A 190 -17.40 31.35 14.00
N ALA A 191 -16.10 31.16 14.22
CA ALA A 191 -15.63 29.99 14.96
C ALA A 191 -16.12 30.03 16.42
N LYS A 192 -15.89 31.16 17.09
CA LYS A 192 -16.30 31.36 18.47
C LYS A 192 -17.83 31.22 18.68
N ASP A 193 -18.61 31.72 17.73
CA ASP A 193 -20.06 31.66 17.81
C ASP A 193 -20.62 30.27 17.64
N ALA A 194 -19.78 29.35 17.17
CA ALA A 194 -20.19 27.96 17.06
C ALA A 194 -19.63 27.16 18.21
N GLY A 195 -18.93 27.80 19.14
CA GLY A 195 -18.41 27.09 20.31
C GLY A 195 -16.92 26.73 20.25
N VAL A 196 -16.20 27.14 19.20
CA VAL A 196 -14.76 26.85 19.13
C VAL A 196 -14.03 27.58 20.28
N ARG A 197 -13.28 26.83 21.09
CA ARG A 197 -12.47 27.40 22.16
C ARG A 197 -11.26 28.16 21.62
N ASP A 198 -10.88 29.22 22.33
CA ASP A 198 -9.75 30.01 21.93
C ASP A 198 -8.54 29.12 21.61
N GLU A 199 -8.31 28.10 22.46
CA GLU A 199 -7.14 27.26 22.33
C GLU A 199 -7.08 26.36 21.10
N ASN A 200 -8.18 26.28 20.39
CA ASN A 200 -8.20 25.54 19.15
C ASN A 200 -8.33 26.46 17.95
N ILE A 201 -8.11 27.75 18.15
CA ILE A 201 -7.97 28.65 17.00
C ILE A 201 -6.52 28.89 16.59
N ILE A 202 -6.25 28.62 15.32
CA ILE A 202 -4.96 28.99 14.75
C ILE A 202 -5.17 29.90 13.53
N LEU A 203 -4.34 30.93 13.33
CA LEU A 203 -4.56 31.82 12.18
C LEU A 203 -3.43 31.69 11.13
N ASP A 204 -3.79 32.08 9.92
CA ASP A 204 -2.91 31.96 8.80
C ASP A 204 -3.17 33.17 7.91
N PRO A 205 -2.13 33.87 7.49
CA PRO A 205 -2.32 35.09 6.69
C PRO A 205 -2.75 34.81 5.27
N GLY A 206 -2.74 33.56 4.82
CA GLY A 206 -3.17 33.26 3.47
C GLY A 206 -2.29 33.90 2.41
N ILE A 207 -0.98 33.68 2.49
CA ILE A 207 -0.08 34.07 1.41
C ILE A 207 -0.45 33.41 0.09
N GLY A 208 -0.59 34.20 -0.96
CA GLY A 208 -0.84 33.67 -2.28
C GLY A 208 -2.32 33.57 -2.60
N PHE A 209 -3.17 34.01 -1.66
CA PHE A 209 -4.61 34.05 -1.87
C PHE A 209 -5.12 35.49 -1.82
N ALA A 210 -5.85 35.91 -2.85
CA ALA A 210 -6.48 37.23 -2.86
C ALA A 210 -5.48 38.39 -2.69
N LYS A 211 -4.25 38.18 -3.14
CA LYS A 211 -3.25 39.21 -3.02
C LYS A 211 -2.44 39.14 -4.25
N THR A 212 -2.12 40.32 -4.78
CA THR A 212 -1.14 40.42 -5.84
C THR A 212 0.21 40.01 -5.25
N PRO A 213 1.23 39.81 -6.10
CA PRO A 213 2.57 39.46 -5.63
C PRO A 213 3.07 40.51 -4.64
N GLU A 214 2.93 41.79 -4.98
CA GLU A 214 3.46 42.87 -4.16
C GLU A 214 2.68 42.92 -2.83
N GLN A 215 1.38 42.63 -2.85
CA GLN A 215 0.65 42.48 -1.59
C GLN A 215 1.14 41.29 -0.76
N ASN A 216 1.45 40.16 -1.40
CA ASN A 216 2.10 39.04 -0.70
C ASN A 216 3.36 39.44 0.07
N LEU A 217 4.20 40.25 -0.57
CA LEU A 217 5.45 40.68 0.01
C LEU A 217 5.19 41.63 1.14
N GLU A 218 4.15 42.43 1.01
CA GLU A 218 3.75 43.38 2.03
C GLU A 218 3.20 42.68 3.30
N ALA A 219 2.40 41.62 3.15
CA ALA A 219 2.00 40.78 4.29
C ALA A 219 3.20 40.11 4.97
N MET A 220 4.10 39.47 4.23
CA MET A 220 5.37 39.00 4.83
C MET A 220 6.07 40.02 5.70
N ARG A 221 6.09 41.25 5.23
CA ARG A 221 6.86 42.33 5.83
C ARG A 221 6.18 42.79 7.09
N ASN A 222 4.86 42.56 7.17
CA ASN A 222 4.12 43.09 8.31
C ASN A 222 3.44 42.02 9.07
N LEU A 223 3.89 40.78 8.85
CA LEU A 223 3.32 39.58 9.52
C LEU A 223 3.21 39.64 11.03
N GLU A 224 4.19 40.28 11.67
CA GLU A 224 4.17 40.39 13.15
C GLU A 224 2.85 41.07 13.66
N GLN A 225 2.20 41.89 12.83
CA GLN A 225 0.95 42.53 13.25
C GLN A 225 -0.15 41.50 13.61
N LEU A 226 -0.06 40.28 13.05
CA LEU A 226 -1.08 39.26 13.23
C LEU A 226 -1.11 38.76 14.63
N ASN A 227 -0.01 38.94 15.33
CA ASN A 227 0.14 38.56 16.73
C ASN A 227 -0.71 39.31 17.73
N VAL A 228 -1.13 40.52 17.36
CA VAL A 228 -1.96 41.25 18.29
C VAL A 228 -3.29 40.49 18.46
N LEU A 229 -3.67 39.63 17.52
CA LEU A 229 -4.97 38.98 17.68
C LEU A 229 -4.93 37.91 18.81
N GLY A 230 -3.75 37.51 19.27
CA GLY A 230 -3.60 36.61 20.41
C GLY A 230 -3.65 35.11 20.13
N TYR A 231 -3.49 34.73 18.87
CA TYR A 231 -3.56 33.32 18.46
C TYR A 231 -2.26 32.88 17.81
N PRO A 232 -1.92 31.58 17.87
CA PRO A 232 -0.79 31.06 17.14
C PRO A 232 -1.05 31.25 15.65
N VAL A 233 0.05 31.51 14.94
CA VAL A 233 -0.06 31.78 13.53
C VAL A 233 0.66 30.67 12.71
N LEU A 234 0.03 30.19 11.65
CA LEU A 234 0.69 29.31 10.68
C LEU A 234 1.00 30.08 9.41
N LEU A 235 2.21 29.90 8.91
CA LEU A 235 2.63 30.55 7.66
C LEU A 235 2.83 29.49 6.58
N GLY A 236 2.12 29.60 5.45
CA GLY A 236 2.34 28.74 4.31
C GLY A 236 2.78 29.48 3.04
N THR A 237 4.03 29.32 2.64
CA THR A 237 4.54 30.13 1.52
C THR A 237 5.16 29.21 0.47
N SER A 238 5.24 27.93 0.81
CA SER A 238 6.09 26.97 0.11
C SER A 238 5.91 27.03 -1.39
N ARG A 239 6.99 27.34 -2.10
CA ARG A 239 6.97 27.22 -3.55
C ARG A 239 5.94 28.11 -4.28
N LYS A 240 5.35 29.08 -3.60
CA LYS A 240 4.27 29.84 -4.20
C LYS A 240 4.74 30.81 -5.30
N SER A 241 3.83 31.25 -6.16
CA SER A 241 4.26 32.08 -7.30
C SER A 241 4.88 33.42 -6.96
N PHE A 242 4.60 34.00 -5.79
CA PHE A 242 5.23 35.29 -5.47
C PHE A 242 6.75 35.18 -5.30
N ILE A 243 7.21 33.98 -4.96
CA ILE A 243 8.64 33.71 -4.91
C ILE A 243 9.19 33.65 -6.32
N GLY A 244 8.46 32.99 -7.22
CA GLY A 244 8.81 32.95 -8.63
C GLY A 244 8.83 34.33 -9.22
N HIS A 245 7.84 35.14 -8.87
CA HIS A 245 7.79 36.54 -9.28
C HIS A 245 9.04 37.33 -8.87
N VAL A 246 9.49 37.14 -7.62
CA VAL A 246 10.71 37.83 -7.16
C VAL A 246 11.97 37.29 -7.83
N LEU A 247 12.16 35.98 -7.79
CA LEU A 247 13.42 35.39 -8.25
C LEU A 247 13.46 35.01 -9.74
N ASP A 248 12.32 35.11 -10.43
CA ASP A 248 12.15 34.64 -11.81
C ASP A 248 12.59 33.18 -11.97
N LEU A 249 12.01 32.32 -11.14
CA LEU A 249 12.33 30.90 -11.14
C LEU A 249 11.06 30.03 -11.07
N PRO A 250 11.06 28.91 -11.78
CA PRO A 250 9.91 28.00 -11.78
C PRO A 250 9.83 27.23 -10.47
N VAL A 251 8.67 26.61 -10.27
CA VAL A 251 8.23 26.06 -9.00
C VAL A 251 9.25 25.13 -8.36
N GLU A 252 10.02 24.44 -9.19
CA GLU A 252 10.90 23.39 -8.70
C GLU A 252 12.24 23.99 -8.28
N GLU A 253 12.35 25.30 -8.49
CA GLU A 253 13.54 26.07 -8.20
C GLU A 253 13.32 27.07 -7.05
N ARG A 254 12.34 26.81 -6.18
CA ARG A 254 11.93 27.84 -5.23
C ARG A 254 12.33 27.60 -3.81
N LEU A 255 13.25 26.67 -3.62
CA LEU A 255 13.64 26.21 -2.28
C LEU A 255 14.32 27.32 -1.45
N GLU A 256 15.32 28.01 -2.03
CA GLU A 256 16.01 29.09 -1.33
C GLU A 256 15.04 30.20 -0.98
N GLY A 257 14.18 30.58 -1.91
CA GLY A 257 13.25 31.68 -1.65
C GLY A 257 12.16 31.28 -0.64
N THR A 258 11.81 30.00 -0.59
CA THR A 258 10.83 29.45 0.42
C THR A 258 11.48 29.55 1.80
N GLY A 259 12.73 29.15 1.88
CA GLY A 259 13.45 29.22 3.14
C GLY A 259 13.55 30.67 3.59
N ALA A 260 13.71 31.63 2.68
CA ALA A 260 13.75 33.01 3.12
C ALA A 260 12.44 33.37 3.84
N THR A 261 11.28 33.10 3.20
CA THR A 261 10.00 33.35 3.83
C THR A 261 9.87 32.65 5.19
N VAL A 262 10.39 31.42 5.32
CA VAL A 262 10.14 30.62 6.55
C VAL A 262 10.90 31.30 7.66
N CYS A 263 12.11 31.75 7.28
CA CYS A 263 12.93 32.40 8.25
C CYS A 263 12.34 33.70 8.72
N LEU A 264 11.89 34.54 7.79
CA LEU A 264 11.38 35.83 8.19
C LEU A 264 10.08 35.53 8.97
N GLY A 265 9.31 34.60 8.50
CA GLY A 265 8.14 34.13 9.26
C GLY A 265 8.46 33.77 10.71
N ILE A 266 9.53 33.02 10.96
CA ILE A 266 9.82 32.62 12.37
C ILE A 266 10.33 33.82 13.15
N GLU A 267 11.06 34.71 12.46
CA GLU A 267 11.53 35.86 13.17
C GLU A 267 10.35 36.75 13.61
N LYS A 268 9.26 36.74 12.86
CA LYS A 268 8.15 37.60 13.15
C LYS A 268 7.11 36.90 14.05
N GLY A 269 7.43 35.70 14.55
CA GLY A 269 6.66 35.09 15.63
C GLY A 269 5.72 33.99 15.24
N CYS A 270 5.84 33.47 14.04
CA CYS A 270 4.94 32.43 13.69
C CYS A 270 5.33 31.05 14.33
N GLU A 271 4.28 30.26 14.63
CA GLU A 271 4.43 29.02 15.42
C GLU A 271 4.57 27.73 14.55
N PHE A 272 3.97 27.76 13.35
CA PHE A 272 4.00 26.65 12.39
C PHE A 272 4.43 27.19 11.01
N VAL A 273 5.12 26.35 10.25
CA VAL A 273 5.17 26.58 8.84
C VAL A 273 4.72 25.37 8.04
N ARG A 274 4.08 25.63 6.93
CA ARG A 274 3.54 24.60 6.09
C ARG A 274 4.39 24.49 4.85
N VAL A 275 5.18 23.43 4.75
CA VAL A 275 6.21 23.34 3.69
C VAL A 275 6.23 21.98 2.98
N HIS A 276 6.72 21.98 1.75
CA HIS A 276 6.89 20.75 0.95
C HIS A 276 8.23 20.11 1.30
N ASP A 277 9.31 20.92 1.30
CA ASP A 277 10.65 20.40 1.53
C ASP A 277 10.94 20.36 3.02
N VAL A 278 10.50 19.28 3.69
CA VAL A 278 10.61 19.16 5.13
C VAL A 278 12.08 19.11 5.62
N LYS A 279 12.90 18.28 4.98
CA LYS A 279 14.29 18.16 5.41
C LYS A 279 14.94 19.56 5.51
N GLU A 280 14.90 20.30 4.40
CA GLU A 280 15.58 21.57 4.33
C GLU A 280 15.00 22.60 5.29
N MET A 281 13.67 22.74 5.28
CA MET A 281 13.01 23.72 6.16
C MET A 281 13.11 23.44 7.68
N SER A 282 13.16 22.16 8.06
CA SER A 282 13.38 21.78 9.46
C SER A 282 14.70 22.27 9.97
N ARG A 283 15.74 22.10 9.18
CA ARG A 283 17.07 22.63 9.47
C ARG A 283 17.09 24.15 9.58
N MET A 284 16.41 24.82 8.66
CA MET A 284 16.31 26.27 8.75
C MET A 284 15.58 26.73 9.98
N ALA A 285 14.35 26.16 10.20
CA ALA A 285 13.56 26.43 11.40
C ALA A 285 14.38 26.27 12.64
N LYS A 286 15.09 25.16 12.73
CA LYS A 286 15.79 24.80 13.93
C LYS A 286 16.96 25.77 14.21
N MET A 287 17.67 26.13 13.16
CA MET A 287 18.68 27.17 13.28
C MET A 287 18.04 28.51 13.70
N MET A 288 16.88 28.85 13.11
CA MET A 288 16.23 30.12 13.48
C MET A 288 15.89 30.15 14.96
N ASP A 289 15.20 29.08 15.43
CA ASP A 289 14.82 28.92 16.82
C ASP A 289 15.99 29.16 17.76
N ALA A 290 17.11 28.53 17.46
CA ALA A 290 18.27 28.70 18.36
C ALA A 290 18.74 30.16 18.40
N MET A 291 18.63 30.82 17.28
CA MET A 291 19.11 32.19 17.22
C MET A 291 18.13 33.09 17.92
N ILE A 292 16.83 32.84 17.73
CA ILE A 292 15.90 33.82 18.28
C ILE A 292 15.67 33.53 19.76
N GLY A 293 15.98 32.32 20.21
CA GLY A 293 15.89 31.95 21.61
C GLY A 293 14.55 31.27 21.91
N LYS A 294 14.02 30.56 20.92
CA LYS A 294 12.75 29.86 21.04
C LYS A 294 13.11 28.42 21.39
N LYS B 22 21.77 -34.34 -10.61
CA LYS B 22 20.66 -35.12 -11.21
C LYS B 22 19.68 -34.40 -12.16
N TRP B 23 19.21 -33.18 -11.89
CA TRP B 23 18.56 -32.44 -12.97
C TRP B 23 19.64 -31.71 -13.77
N ASP B 24 19.65 -31.80 -15.09
CA ASP B 24 20.77 -31.20 -15.83
C ASP B 24 20.48 -29.80 -16.39
N TYR B 25 19.48 -29.17 -15.80
CA TYR B 25 19.13 -27.80 -16.11
C TYR B 25 18.54 -27.14 -14.85
N ASP B 26 18.49 -25.82 -14.87
CA ASP B 26 17.86 -25.01 -13.84
C ASP B 26 16.54 -24.51 -14.38
N LEU B 27 15.65 -24.12 -13.47
CA LEU B 27 14.38 -23.53 -13.85
C LEU B 27 14.58 -22.04 -14.12
N ARG B 28 14.36 -21.65 -15.37
CA ARG B 28 14.56 -20.28 -15.76
C ARG B 28 13.25 -19.52 -15.67
N CYS B 29 13.23 -18.50 -14.82
CA CYS B 29 12.07 -17.64 -14.64
C CYS B 29 12.49 -16.17 -14.78
N GLY B 30 12.66 -15.74 -16.03
CA GLY B 30 13.09 -14.37 -16.34
C GLY B 30 14.32 -13.89 -15.57
N GLU B 31 14.12 -12.96 -14.65
CA GLU B 31 15.19 -12.44 -13.78
C GLU B 31 15.70 -13.42 -12.72
N TYR B 32 14.96 -14.49 -12.44
CA TYR B 32 15.34 -15.41 -11.37
C TYR B 32 15.65 -16.78 -11.91
N THR B 33 16.60 -17.46 -11.28
CA THR B 33 16.84 -18.86 -11.62
C THR B 33 16.55 -19.74 -10.44
N LEU B 34 15.84 -20.86 -10.66
CA LEU B 34 15.62 -21.81 -9.57
C LEU B 34 16.45 -23.06 -9.78
N ASN B 35 17.39 -23.33 -8.88
CA ASN B 35 18.16 -24.54 -8.96
C ASN B 35 17.42 -25.75 -8.32
N LEU B 36 17.37 -26.84 -9.08
CA LEU B 36 16.55 -27.99 -8.72
C LEU B 36 17.29 -29.04 -7.95
N ASN B 37 18.61 -28.92 -7.88
CA ASN B 37 19.38 -29.96 -7.22
C ASN B 37 19.80 -29.55 -5.82
N GLU B 38 19.79 -28.27 -5.49
CA GLU B 38 20.38 -27.86 -4.20
C GLU B 38 19.44 -28.03 -3.01
N LYS B 39 18.15 -27.86 -3.23
CA LYS B 39 17.23 -27.86 -2.13
C LYS B 39 15.83 -28.05 -2.60
N THR B 40 14.96 -28.50 -1.71
CA THR B 40 13.53 -28.44 -1.96
C THR B 40 13.09 -26.99 -2.02
N LEU B 41 12.28 -26.65 -3.01
CA LEU B 41 11.84 -25.29 -3.17
C LEU B 41 10.46 -25.05 -2.56
N ILE B 42 10.38 -24.02 -1.74
CA ILE B 42 9.15 -23.72 -1.03
C ILE B 42 8.34 -22.71 -1.84
N MET B 43 7.15 -23.10 -2.28
CA MET B 43 6.18 -22.15 -2.84
C MET B 43 5.21 -21.65 -1.76
N GLY B 44 5.25 -20.36 -1.45
CA GLY B 44 4.43 -19.80 -0.37
C GLY B 44 3.09 -19.40 -0.92
N ILE B 45 2.01 -19.72 -0.22
CA ILE B 45 0.67 -19.44 -0.74
C ILE B 45 0.19 -18.07 -0.19
N LEU B 46 0.03 -17.10 -1.09
CA LEU B 46 -0.44 -15.75 -0.73
C LEU B 46 -1.89 -15.69 -0.24
N ASN B 47 -2.02 -15.18 0.99
CA ASN B 47 -3.28 -14.71 1.59
C ASN B 47 -3.96 -13.70 0.68
N VAL B 48 -5.07 -14.11 0.08
CA VAL B 48 -5.80 -13.21 -0.80
C VAL B 48 -7.21 -13.00 -0.18
N THR B 49 -7.24 -12.12 0.82
CA THR B 49 -8.46 -11.78 1.56
C THR B 49 -8.95 -10.41 1.09
N PRO B 50 -10.04 -10.41 0.30
CA PRO B 50 -10.57 -9.22 -0.37
C PRO B 50 -10.55 -7.92 0.46
N SER B 54 -15.45 -3.59 -2.51
CA SER B 54 -14.96 -2.99 -3.75
C SER B 54 -14.60 -4.01 -4.86
N ASP B 55 -14.46 -3.51 -6.09
CA ASP B 55 -14.06 -4.33 -7.24
C ASP B 55 -12.58 -4.75 -7.18
N GLY B 56 -11.92 -4.51 -6.05
CA GLY B 56 -10.52 -4.87 -5.87
C GLY B 56 -9.48 -3.86 -6.42
N GLY B 57 -8.22 -4.07 -6.05
CA GLY B 57 -7.14 -3.20 -6.45
C GLY B 57 -6.92 -2.12 -5.41
N SER B 58 -7.67 -2.24 -4.30
CA SER B 58 -7.70 -1.25 -3.23
C SER B 58 -6.48 -1.40 -2.35
N TYR B 59 -6.26 -0.47 -1.45
CA TYR B 59 -5.03 -0.51 -0.69
C TYR B 59 -4.98 -1.62 0.36
N ASN B 60 -6.09 -1.78 1.10
CA ASN B 60 -6.06 -2.60 2.30
C ASN B 60 -5.75 -4.06 1.94
N GLU B 61 -6.29 -4.50 0.81
CA GLU B 61 -6.03 -5.84 0.33
C GLU B 61 -4.65 -5.90 -0.30
N VAL B 62 -4.31 -4.95 -1.18
CA VAL B 62 -3.04 -5.10 -1.89
C VAL B 62 -1.88 -4.95 -0.92
N ASP B 63 -2.08 -4.12 0.08
CA ASP B 63 -1.15 -3.96 1.19
C ASP B 63 -1.02 -5.17 2.08
N ALA B 64 -2.14 -5.83 2.36
CA ALA B 64 -2.12 -7.04 3.19
C ALA B 64 -1.31 -8.11 2.49
N ALA B 65 -1.55 -8.27 1.19
CA ALA B 65 -0.82 -9.22 0.36
C ALA B 65 0.68 -8.93 0.32
N VAL B 66 1.06 -7.68 0.11
CA VAL B 66 2.47 -7.31 0.00
C VAL B 66 3.17 -7.73 1.30
N ARG B 67 2.55 -7.41 2.43
CA ARG B 67 3.14 -7.69 3.74
C ARG B 67 3.28 -9.19 3.94
N HIS B 68 2.29 -9.95 3.50
CA HIS B 68 2.34 -11.39 3.63
C HIS B 68 3.48 -11.92 2.78
N ALA B 69 3.61 -11.39 1.57
CA ALA B 69 4.66 -11.84 0.67
C ALA B 69 6.01 -11.63 1.27
N LYS B 70 6.22 -10.49 1.93
CA LYS B 70 7.54 -10.21 2.48
C LYS B 70 7.78 -11.11 3.67
N GLU B 71 6.74 -11.38 4.43
CA GLU B 71 6.81 -12.30 5.56
C GLU B 71 7.22 -13.70 5.06
N MET B 72 6.61 -14.17 3.99
CA MET B 72 6.97 -15.50 3.48
C MET B 72 8.40 -15.53 2.94
N ARG B 73 8.82 -14.42 2.33
CA ARG B 73 10.17 -14.29 1.82
C ARG B 73 11.16 -14.39 2.97
N ASP B 74 10.88 -13.66 4.04
CA ASP B 74 11.74 -13.68 5.22
C ASP B 74 11.74 -15.03 5.92
N GLU B 75 10.68 -15.82 5.72
CA GLU B 75 10.56 -17.14 6.36
C GLU B 75 11.20 -18.27 5.55
N GLY B 76 11.50 -17.99 4.28
CA GLY B 76 12.20 -18.95 3.43
C GLY B 76 11.51 -19.39 2.14
N ALA B 77 10.48 -18.66 1.73
CA ALA B 77 9.79 -18.99 0.48
C ALA B 77 10.68 -18.68 -0.74
N HIS B 78 10.56 -19.46 -1.81
CA HIS B 78 11.40 -19.26 -3.00
C HIS B 78 10.56 -18.82 -4.16
N ILE B 79 9.26 -19.08 -4.04
CA ILE B 79 8.26 -18.69 -5.01
C ILE B 79 7.09 -18.17 -4.22
N ILE B 80 6.40 -17.18 -4.76
CA ILE B 80 5.16 -16.76 -4.13
C ILE B 80 4.04 -17.11 -5.07
N ASP B 81 3.05 -17.85 -4.58
CA ASP B 81 1.93 -18.24 -5.44
C ASP B 81 0.74 -17.38 -5.19
N ILE B 82 0.19 -16.81 -6.27
CA ILE B 82 -0.89 -15.82 -6.16
C ILE B 82 -2.14 -16.30 -6.92
N GLY B 83 -3.28 -16.41 -6.26
CA GLY B 83 -4.50 -16.88 -6.88
C GLY B 83 -5.74 -15.98 -6.75
N GLY B 84 -6.59 -15.94 -7.79
CA GLY B 84 -7.75 -15.04 -7.80
C GLY B 84 -9.12 -15.69 -7.91
N VAL B 94 -16.19 -16.93 -10.74
CA VAL B 94 -16.19 -15.55 -11.20
C VAL B 94 -15.52 -15.37 -12.59
N SER B 95 -15.90 -14.28 -13.26
CA SER B 95 -15.50 -14.00 -14.64
C SER B 95 -14.03 -13.69 -14.82
N VAL B 96 -13.58 -13.81 -16.06
CA VAL B 96 -12.22 -13.48 -16.49
C VAL B 96 -11.83 -12.04 -16.13
N GLU B 97 -12.68 -11.08 -16.52
CA GLU B 97 -12.44 -9.64 -16.28
C GLU B 97 -12.32 -9.36 -14.78
N GLU B 98 -13.24 -9.95 -14.00
CA GLU B 98 -13.24 -9.85 -12.52
C GLU B 98 -12.06 -10.54 -11.81
N GLU B 99 -11.52 -11.60 -12.39
CA GLU B 99 -10.34 -12.30 -11.83
C GLU B 99 -9.08 -11.49 -12.14
N ILE B 100 -9.06 -10.86 -13.30
CA ILE B 100 -7.92 -10.04 -13.69
C ILE B 100 -7.84 -8.80 -12.81
N LYS B 101 -8.99 -8.19 -12.56
CA LYS B 101 -9.05 -6.93 -11.83
C LYS B 101 -8.45 -7.12 -10.45
N ARG B 102 -8.78 -8.25 -9.83
CA ARG B 102 -8.34 -8.56 -8.50
C ARG B 102 -6.87 -8.96 -8.45
N VAL B 103 -6.38 -9.67 -9.46
CA VAL B 103 -5.08 -10.33 -9.38
C VAL B 103 -3.89 -9.53 -9.98
N VAL B 104 -4.16 -8.75 -11.02
CA VAL B 104 -3.11 -7.93 -11.66
C VAL B 104 -2.42 -6.87 -10.73
N PRO B 105 -3.20 -6.15 -9.92
CA PRO B 105 -2.62 -5.19 -8.96
C PRO B 105 -1.77 -5.88 -7.91
N MET B 106 -2.22 -7.06 -7.47
CA MET B 106 -1.44 -7.92 -6.58
C MET B 106 -0.10 -8.33 -7.16
N ILE B 107 -0.10 -8.83 -8.39
CA ILE B 107 1.12 -9.23 -9.05
C ILE B 107 2.08 -8.05 -9.17
N GLN B 108 1.56 -6.89 -9.61
CA GLN B 108 2.38 -5.68 -9.80
C GLN B 108 3.05 -5.27 -8.51
N ALA B 109 2.25 -5.14 -7.44
CA ALA B 109 2.78 -4.71 -6.16
C ALA B 109 3.81 -5.69 -5.58
N VAL B 110 3.51 -6.99 -5.69
CA VAL B 110 4.37 -8.04 -5.15
C VAL B 110 5.64 -8.15 -5.98
N SER B 111 5.50 -8.15 -7.30
CA SER B 111 6.68 -8.24 -8.18
C SER B 111 7.69 -7.12 -7.98
N LYS B 112 7.18 -5.90 -7.76
CA LYS B 112 8.01 -4.75 -7.51
C LYS B 112 8.64 -4.74 -6.11
N GLU B 113 7.88 -5.21 -5.11
CA GLU B 113 8.29 -5.04 -3.73
C GLU B 113 8.98 -6.26 -3.13
N VAL B 114 8.78 -7.42 -3.75
CA VAL B 114 9.37 -8.69 -3.31
C VAL B 114 10.16 -9.41 -4.45
N LYS B 115 11.44 -9.65 -4.17
CA LYS B 115 12.40 -10.20 -5.12
C LYS B 115 12.43 -11.76 -5.19
N LEU B 116 11.29 -12.34 -5.58
CA LEU B 116 11.08 -13.78 -5.69
C LEU B 116 10.25 -13.96 -6.95
N PRO B 117 10.45 -15.09 -7.66
CA PRO B 117 9.54 -15.49 -8.75
C PRO B 117 8.09 -15.61 -8.25
N ILE B 118 7.15 -15.28 -9.11
CA ILE B 118 5.74 -15.36 -8.79
C ILE B 118 5.04 -16.33 -9.71
N SER B 119 4.20 -17.21 -9.16
CA SER B 119 3.36 -18.04 -10.01
C SER B 119 1.96 -17.50 -9.94
N ILE B 120 1.31 -17.44 -11.11
CA ILE B 120 -0.10 -17.13 -11.17
C ILE B 120 -0.95 -18.38 -11.14
N ASP B 121 -1.68 -18.52 -10.06
CA ASP B 121 -2.51 -19.69 -9.84
C ASP B 121 -3.86 -19.52 -10.55
N THR B 122 -3.93 -19.92 -11.83
CA THR B 122 -5.12 -19.78 -12.67
C THR B 122 -5.30 -20.98 -13.65
N TYR B 123 -6.51 -21.23 -14.14
CA TYR B 123 -6.66 -22.13 -15.26
C TYR B 123 -7.15 -21.50 -16.55
N LYS B 124 -7.08 -20.17 -16.61
CA LYS B 124 -7.63 -19.39 -17.73
C LYS B 124 -6.53 -18.74 -18.54
N ALA B 125 -6.60 -18.91 -19.86
CA ALA B 125 -5.56 -18.38 -20.74
C ALA B 125 -5.43 -16.87 -20.55
N GLU B 126 -6.55 -16.18 -20.44
CA GLU B 126 -6.52 -14.71 -20.44
C GLU B 126 -5.91 -14.14 -19.18
N VAL B 127 -6.27 -14.75 -18.05
CA VAL B 127 -5.71 -14.39 -16.75
C VAL B 127 -4.20 -14.60 -16.76
N ALA B 128 -3.78 -15.74 -17.32
CA ALA B 128 -2.36 -16.06 -17.41
C ALA B 128 -1.61 -15.01 -18.21
N LYS B 129 -2.14 -14.63 -19.38
CA LYS B 129 -1.51 -13.58 -20.18
C LYS B 129 -1.34 -12.23 -19.42
N GLN B 130 -2.43 -11.73 -18.81
CA GLN B 130 -2.36 -10.47 -18.03
C GLN B 130 -1.38 -10.56 -16.87
N ALA B 131 -1.40 -11.70 -16.18
CA ALA B 131 -0.53 -11.95 -15.02
C ALA B 131 0.96 -11.89 -15.36
N ILE B 132 1.32 -12.51 -16.48
CA ILE B 132 2.70 -12.56 -16.96
C ILE B 132 3.14 -11.13 -17.33
N GLU B 133 2.29 -10.46 -18.10
CA GLU B 133 2.50 -9.07 -18.51
C GLU B 133 2.63 -8.16 -17.27
N ALA B 134 1.79 -8.41 -16.27
CA ALA B 134 1.82 -7.73 -14.98
C ALA B 134 3.05 -8.11 -14.13
N GLY B 135 3.77 -9.16 -14.52
CA GLY B 135 5.03 -9.49 -13.88
C GLY B 135 5.20 -10.90 -13.33
N ALA B 136 4.17 -11.77 -13.44
CA ALA B 136 4.26 -13.16 -12.95
C ALA B 136 5.21 -13.98 -13.81
N HIS B 137 5.89 -14.94 -13.17
CA HIS B 137 6.94 -15.74 -13.82
C HIS B 137 6.57 -17.18 -14.20
N ILE B 138 5.50 -17.75 -13.63
CA ILE B 138 5.23 -19.18 -13.71
C ILE B 138 3.72 -19.36 -13.84
N ILE B 139 3.25 -20.30 -14.67
CA ILE B 139 1.81 -20.62 -14.63
C ILE B 139 1.52 -21.86 -13.79
N ASN B 140 0.50 -21.71 -12.95
CA ASN B 140 0.10 -22.72 -12.01
C ASN B 140 -1.32 -23.17 -12.30
N ASP B 141 -1.45 -24.21 -13.11
CA ASP B 141 -2.77 -24.57 -13.65
C ASP B 141 -3.33 -25.81 -13.00
N ILE B 142 -4.36 -25.64 -12.18
CA ILE B 142 -5.04 -26.75 -11.54
C ILE B 142 -5.86 -27.64 -12.50
N TRP B 143 -5.99 -27.25 -13.76
CA TRP B 143 -6.65 -28.16 -14.71
C TRP B 143 -5.65 -28.69 -15.72
N GLY B 144 -4.37 -28.40 -15.49
CA GLY B 144 -3.30 -28.93 -16.33
C GLY B 144 -3.53 -28.75 -17.81
N ALA B 145 -3.95 -27.54 -18.17
CA ALA B 145 -4.17 -27.13 -19.57
C ALA B 145 -5.36 -27.80 -20.21
N LYS B 146 -6.21 -28.44 -19.40
CA LYS B 146 -7.36 -29.14 -19.95
C LYS B 146 -8.61 -28.25 -20.03
N ALA B 147 -8.75 -27.29 -19.11
CA ALA B 147 -9.92 -26.44 -19.08
C ALA B 147 -9.85 -25.46 -20.25
N GLU B 148 -8.68 -24.84 -20.40
CA GLU B 148 -8.44 -23.90 -21.47
C GLU B 148 -7.09 -24.19 -22.13
N PRO B 149 -7.08 -25.15 -23.06
CA PRO B 149 -5.85 -25.53 -23.78
C PRO B 149 -4.96 -24.36 -24.23
N LYS B 150 -5.60 -23.21 -24.48
CA LYS B 150 -4.92 -22.01 -24.94
C LYS B 150 -3.88 -21.49 -23.94
N ILE B 151 -4.06 -21.82 -22.66
CA ILE B 151 -3.10 -21.47 -21.63
C ILE B 151 -1.71 -22.02 -21.96
N ALA B 152 -1.67 -23.19 -22.60
CA ALA B 152 -0.42 -23.79 -23.05
C ALA B 152 0.27 -22.95 -24.12
N GLU B 153 -0.52 -22.37 -25.02
CA GLU B 153 -0.05 -21.36 -25.99
C GLU B 153 0.56 -20.15 -25.30
N VAL B 154 -0.09 -19.68 -24.24
CA VAL B 154 0.42 -18.54 -23.47
C VAL B 154 1.80 -18.86 -22.87
N ALA B 155 1.89 -20.01 -22.22
CA ALA B 155 3.14 -20.53 -21.66
C ALA B 155 4.20 -20.62 -22.72
N ALA B 156 3.84 -21.23 -23.84
CA ALA B 156 4.75 -21.36 -24.98
C ALA B 156 5.32 -20.02 -25.42
N HIS B 157 4.46 -19.01 -25.53
CA HIS B 157 4.92 -17.70 -26.04
C HIS B 157 5.85 -16.95 -25.11
N TYR B 158 5.53 -16.95 -23.83
CA TYR B 158 6.30 -16.18 -22.86
C TYR B 158 7.52 -16.98 -22.39
N ASP B 159 7.56 -18.24 -22.81
CA ASP B 159 8.62 -19.14 -22.45
C ASP B 159 8.73 -19.31 -20.91
N VAL B 160 7.60 -19.47 -20.24
CA VAL B 160 7.59 -19.63 -18.79
C VAL B 160 7.32 -21.11 -18.30
N PRO B 161 7.79 -21.47 -17.12
CA PRO B 161 7.41 -22.75 -16.52
C PRO B 161 5.91 -22.81 -16.29
N ILE B 162 5.30 -23.93 -16.66
CA ILE B 162 3.90 -24.16 -16.36
C ILE B 162 3.76 -25.44 -15.50
N ILE B 163 2.95 -25.32 -14.45
CA ILE B 163 2.70 -26.44 -13.57
C ILE B 163 1.40 -27.07 -14.01
N LEU B 164 1.47 -28.35 -14.36
CA LEU B 164 0.29 -29.06 -14.85
C LEU B 164 -0.15 -29.97 -13.77
N MET B 165 -1.24 -29.62 -13.10
CA MET B 165 -1.74 -30.41 -11.98
C MET B 165 -2.75 -31.46 -12.43
N HIS B 166 -2.73 -32.61 -11.76
CA HIS B 166 -3.71 -33.65 -12.05
C HIS B 166 -5.09 -33.32 -11.53
N ASN B 167 -6.10 -33.51 -12.38
CA ASN B 167 -7.48 -33.21 -12.02
C ASN B 167 -8.36 -34.01 -12.96
N ARG B 168 -9.60 -34.27 -12.55
CA ARG B 168 -10.61 -34.77 -13.47
C ARG B 168 -11.98 -34.50 -12.89
N ASP B 169 -13.03 -34.82 -13.62
CA ASP B 169 -14.40 -34.51 -13.15
C ASP B 169 -15.09 -35.69 -12.46
N ASN B 170 -14.32 -36.70 -12.08
CA ASN B 170 -14.89 -37.88 -11.41
C ASN B 170 -13.86 -38.55 -10.52
N MET B 171 -14.27 -39.51 -9.72
CA MET B 171 -13.34 -40.22 -8.84
C MET B 171 -13.31 -41.71 -9.16
N ASN B 172 -13.54 -42.01 -10.43
CA ASN B 172 -13.66 -43.40 -10.84
C ASN B 172 -12.38 -43.93 -11.48
N TYR B 173 -11.58 -44.56 -10.62
CA TYR B 173 -10.27 -45.01 -11.02
C TYR B 173 -10.20 -46.50 -11.13
N ARG B 174 -9.65 -46.97 -12.24
CA ARG B 174 -9.29 -48.36 -12.42
C ARG B 174 -8.09 -48.67 -11.51
N ASN B 175 -7.06 -47.84 -11.64
CA ASN B 175 -5.83 -47.96 -10.88
C ASN B 175 -5.35 -46.52 -10.71
N LEU B 176 -5.55 -46.00 -9.50
CA LEU B 176 -5.34 -44.60 -9.18
C LEU B 176 -4.08 -44.01 -9.77
N MET B 177 -2.96 -44.66 -9.46
CA MET B 177 -1.66 -44.11 -9.86
C MET B 177 -1.44 -44.18 -11.34
N ALA B 178 -1.77 -45.34 -11.90
CA ALA B 178 -1.63 -45.59 -13.32
C ALA B 178 -2.49 -44.61 -14.11
N ASP B 179 -3.73 -44.38 -13.65
CA ASP B 179 -4.61 -43.36 -14.22
C ASP B 179 -4.15 -41.91 -14.06
N MET B 180 -3.65 -41.53 -12.89
CA MET B 180 -3.09 -40.19 -12.71
C MET B 180 -1.97 -39.93 -13.70
N ILE B 181 -1.08 -40.90 -13.88
CA ILE B 181 0.05 -40.77 -14.83
C ILE B 181 -0.49 -40.64 -16.24
N ALA B 182 -1.44 -41.52 -16.57
CA ALA B 182 -2.19 -41.39 -17.84
C ALA B 182 -2.78 -39.95 -18.05
N ASP B 183 -3.47 -39.41 -17.05
CA ASP B 183 -4.01 -38.07 -17.13
C ASP B 183 -2.93 -37.01 -17.22
N LEU B 184 -1.87 -37.17 -16.45
CA LEU B 184 -0.77 -36.18 -16.52
C LEU B 184 -0.13 -36.18 -17.87
N TYR B 185 -0.06 -37.36 -18.49
CA TYR B 185 0.48 -37.45 -19.84
C TYR B 185 -0.38 -36.71 -20.83
N ASP B 186 -1.69 -36.75 -20.66
CA ASP B 186 -2.56 -35.99 -21.53
C ASP B 186 -2.25 -34.48 -21.46
N SER B 187 -1.97 -33.98 -20.26
CA SER B 187 -1.65 -32.56 -20.07
C SER B 187 -0.33 -32.21 -20.73
N ILE B 188 0.63 -33.14 -20.65
CA ILE B 188 1.94 -32.92 -21.22
C ILE B 188 1.79 -32.78 -22.73
N LYS B 189 0.97 -33.65 -23.33
CA LYS B 189 0.81 -33.66 -24.77
C LYS B 189 0.20 -32.35 -25.22
N ILE B 190 -0.84 -31.88 -24.53
CA ILE B 190 -1.41 -30.55 -24.79
C ILE B 190 -0.31 -29.45 -24.71
N ALA B 191 0.49 -29.45 -23.64
CA ALA B 191 1.54 -28.48 -23.46
C ALA B 191 2.54 -28.55 -24.62
N LYS B 192 3.06 -29.74 -24.87
CA LYS B 192 4.12 -29.91 -25.86
C LYS B 192 3.64 -29.61 -27.28
N ASP B 193 2.38 -29.96 -27.56
CA ASP B 193 1.73 -29.69 -28.84
C ASP B 193 1.59 -28.19 -29.09
N ALA B 194 1.65 -27.38 -28.03
CA ALA B 194 1.55 -25.94 -28.16
C ALA B 194 2.93 -25.33 -28.15
N GLY B 195 3.96 -26.14 -27.96
CA GLY B 195 5.33 -25.66 -28.06
C GLY B 195 6.01 -25.45 -26.72
N VAL B 196 5.36 -25.85 -25.64
CA VAL B 196 5.99 -25.86 -24.32
C VAL B 196 7.20 -26.80 -24.30
N ARG B 197 8.39 -26.24 -24.01
CA ARG B 197 9.64 -26.99 -23.90
C ARG B 197 9.64 -27.85 -22.65
N ASP B 198 10.32 -29.00 -22.72
CA ASP B 198 10.34 -29.94 -21.62
C ASP B 198 10.79 -29.26 -20.31
N GLU B 199 11.80 -28.41 -20.41
CA GLU B 199 12.33 -27.76 -19.22
C GLU B 199 11.41 -26.75 -18.56
N ASN B 200 10.28 -26.47 -19.17
CA ASN B 200 9.30 -25.58 -18.57
C ASN B 200 8.08 -26.37 -18.16
N ILE B 201 8.17 -27.69 -18.12
CA ILE B 201 7.06 -28.51 -17.57
C ILE B 201 7.33 -28.97 -16.13
N ILE B 202 6.40 -28.61 -15.24
CA ILE B 202 6.35 -29.15 -13.89
C ILE B 202 5.02 -29.91 -13.68
N LEU B 203 5.07 -31.03 -12.97
CA LEU B 203 3.85 -31.79 -12.67
C LEU B 203 3.51 -31.79 -11.17
N ASP B 204 2.25 -32.09 -10.88
CA ASP B 204 1.67 -31.99 -9.56
C ASP B 204 0.59 -33.07 -9.52
N PRO B 205 0.57 -33.90 -8.47
CA PRO B 205 -0.45 -34.96 -8.34
C PRO B 205 -1.87 -34.52 -8.01
N GLY B 206 -2.06 -33.25 -7.69
CA GLY B 206 -3.35 -32.73 -7.33
C GLY B 206 -3.95 -33.39 -6.14
N ILE B 207 -3.22 -33.42 -5.03
CA ILE B 207 -3.79 -33.92 -3.77
C ILE B 207 -4.97 -33.06 -3.40
N GLY B 208 -6.10 -33.69 -3.12
CA GLY B 208 -7.28 -32.95 -2.71
C GLY B 208 -8.22 -32.65 -3.85
N PHE B 209 -7.86 -33.07 -5.06
CA PHE B 209 -8.75 -32.89 -6.22
C PHE B 209 -9.14 -34.25 -6.81
N ALA B 210 -10.44 -34.43 -7.00
CA ALA B 210 -11.01 -35.63 -7.63
C ALA B 210 -10.50 -36.91 -7.00
N LYS B 211 -10.44 -36.89 -5.68
CA LYS B 211 -9.88 -37.99 -4.93
C LYS B 211 -10.59 -38.09 -3.59
N THR B 212 -11.03 -39.29 -3.24
CA THR B 212 -11.52 -39.50 -1.90
C THR B 212 -10.36 -39.26 -0.93
N PRO B 213 -10.64 -39.16 0.37
CA PRO B 213 -9.57 -39.11 1.38
C PRO B 213 -8.59 -40.28 1.29
N GLU B 214 -9.11 -41.49 1.14
CA GLU B 214 -8.28 -42.68 1.01
C GLU B 214 -7.44 -42.64 -0.23
N GLN B 215 -8.01 -42.13 -1.32
CA GLN B 215 -7.25 -42.01 -2.54
C GLN B 215 -6.11 -40.99 -2.38
N ASN B 216 -6.36 -39.91 -1.65
CA ASN B 216 -5.31 -38.91 -1.44
C ASN B 216 -4.13 -39.58 -0.71
N LEU B 217 -4.46 -40.47 0.21
CA LEU B 217 -3.47 -41.15 1.02
C LEU B 217 -2.68 -42.12 0.20
N GLU B 218 -3.33 -42.70 -0.80
CA GLU B 218 -2.72 -43.71 -1.66
C GLU B 218 -1.77 -43.03 -2.70
N ALA B 219 -2.18 -41.85 -3.18
CA ALA B 219 -1.34 -41.03 -4.05
C ALA B 219 -0.07 -40.63 -3.28
N MET B 220 -0.23 -40.07 -2.07
CA MET B 220 0.91 -39.80 -1.20
C MET B 220 1.87 -40.97 -1.05
N ARG B 221 1.31 -42.15 -0.78
CA ARG B 221 2.05 -43.39 -0.60
C ARG B 221 2.77 -43.84 -1.91
N ASN B 222 2.28 -43.40 -3.07
CA ASN B 222 2.90 -43.88 -4.30
C ASN B 222 3.50 -42.79 -5.17
N LEU B 223 3.71 -41.63 -4.56
CA LEU B 223 4.10 -40.44 -5.26
C LEU B 223 5.37 -40.62 -6.08
N GLU B 224 6.26 -41.51 -5.62
CA GLU B 224 7.53 -41.73 -6.30
C GLU B 224 7.35 -42.21 -7.73
N GLN B 225 6.18 -42.74 -8.05
CA GLN B 225 5.96 -43.24 -9.40
C GLN B 225 5.87 -42.11 -10.42
N LEU B 226 5.50 -40.91 -9.98
CA LEU B 226 5.40 -39.76 -10.85
C LEU B 226 6.73 -39.41 -11.43
N ASN B 227 7.80 -39.81 -10.74
CA ASN B 227 9.17 -39.53 -11.23
C ASN B 227 9.53 -40.21 -12.55
N VAL B 228 8.86 -41.31 -12.89
CA VAL B 228 9.19 -41.95 -14.14
C VAL B 228 8.85 -41.04 -15.31
N LEU B 229 8.01 -40.01 -15.12
CA LEU B 229 7.66 -39.21 -16.26
C LEU B 229 8.82 -38.32 -16.67
N GLY B 230 9.81 -38.13 -15.78
CA GLY B 230 10.97 -37.35 -16.08
C GLY B 230 10.87 -35.83 -15.92
N TYR B 231 9.88 -35.35 -15.17
CA TYR B 231 9.73 -33.92 -14.89
C TYR B 231 9.75 -33.65 -13.40
N PRO B 232 10.12 -32.44 -13.00
CA PRO B 232 10.05 -32.07 -11.60
C PRO B 232 8.60 -32.12 -11.16
N VAL B 233 8.43 -32.41 -9.90
CA VAL B 233 7.11 -32.58 -9.35
C VAL B 233 6.90 -31.60 -8.18
N LEU B 234 5.74 -30.97 -8.17
CA LEU B 234 5.36 -30.03 -7.10
C LEU B 234 4.27 -30.76 -6.29
N LEU B 235 4.44 -30.81 -4.96
CA LEU B 235 3.42 -31.32 -4.04
C LEU B 235 2.70 -30.20 -3.27
N GLY B 236 1.37 -30.19 -3.38
CA GLY B 236 0.55 -29.30 -2.57
C GLY B 236 -0.48 -29.98 -1.68
N THR B 237 -0.25 -30.01 -0.37
CA THR B 237 -1.15 -30.73 0.52
C THR B 237 -1.62 -29.82 1.65
N SER B 238 -1.04 -28.61 1.71
CA SER B 238 -1.07 -27.78 2.92
C SER B 238 -2.49 -27.62 3.41
N ARG B 239 -2.71 -28.03 4.66
CA ARG B 239 -3.98 -27.84 5.40
C ARG B 239 -5.20 -28.44 4.71
N LYS B 240 -5.01 -29.34 3.76
CA LYS B 240 -6.14 -29.88 3.03
C LYS B 240 -6.93 -30.84 3.87
N SER B 241 -8.18 -31.09 3.47
CA SER B 241 -9.11 -31.83 4.33
C SER B 241 -8.81 -33.31 4.58
N PHE B 242 -8.05 -33.97 3.68
CA PHE B 242 -7.60 -35.33 3.98
C PHE B 242 -6.78 -35.45 5.25
N ILE B 243 -6.08 -34.37 5.59
CA ILE B 243 -5.34 -34.37 6.85
C ILE B 243 -6.29 -34.27 8.04
N GLY B 244 -7.33 -33.44 7.89
CA GLY B 244 -8.42 -33.33 8.85
C GLY B 244 -9.11 -34.65 9.03
N HIS B 245 -9.40 -35.33 7.92
CA HIS B 245 -9.96 -36.68 7.97
C HIS B 245 -9.12 -37.63 8.80
N VAL B 246 -7.80 -37.59 8.61
CA VAL B 246 -6.94 -38.53 9.33
C VAL B 246 -6.81 -38.14 10.81
N LEU B 247 -6.57 -36.86 11.07
CA LEU B 247 -6.27 -36.42 12.43
C LEU B 247 -7.49 -35.98 13.24
N ASP B 248 -8.65 -35.91 12.58
CA ASP B 248 -9.85 -35.29 13.12
C ASP B 248 -9.62 -33.90 13.72
N LEU B 249 -9.00 -33.02 12.94
CA LEU B 249 -8.69 -31.68 13.39
C LEU B 249 -9.05 -30.66 12.32
N PRO B 250 -9.52 -29.49 12.77
CA PRO B 250 -9.91 -28.41 11.84
C PRO B 250 -8.74 -27.75 11.14
N VAL B 251 -9.06 -27.01 10.09
CA VAL B 251 -8.07 -26.44 9.18
C VAL B 251 -6.91 -25.67 9.83
N GLU B 252 -7.15 -25.02 10.97
CA GLU B 252 -6.10 -24.23 11.61
C GLU B 252 -5.26 -25.07 12.57
N GLU B 253 -5.58 -26.36 12.64
CA GLU B 253 -4.86 -27.34 13.46
C GLU B 253 -4.14 -28.41 12.59
N ARG B 254 -3.84 -28.08 11.32
CA ARG B 254 -3.29 -29.05 10.37
C ARG B 254 -1.79 -28.87 10.03
N LEU B 255 -1.08 -28.18 10.91
CA LEU B 255 0.30 -27.85 10.62
C LEU B 255 1.17 -29.12 10.66
N GLU B 256 1.11 -29.86 11.78
CA GLU B 256 1.89 -31.07 11.96
C GLU B 256 1.55 -32.12 10.88
N GLY B 257 0.26 -32.26 10.57
CA GLY B 257 -0.16 -33.13 9.50
C GLY B 257 0.35 -32.75 8.13
N THR B 258 0.29 -31.44 7.78
CA THR B 258 0.98 -30.89 6.59
C THR B 258 2.47 -31.22 6.57
N GLY B 259 3.13 -31.06 7.71
CA GLY B 259 4.56 -31.32 7.74
C GLY B 259 4.85 -32.77 7.40
N ALA B 260 4.02 -33.70 7.89
CA ALA B 260 4.28 -35.09 7.62
C ALA B 260 4.21 -35.40 6.13
N THR B 261 3.24 -34.79 5.43
CA THR B 261 3.11 -34.93 3.97
C THR B 261 4.28 -34.28 3.21
N VAL B 262 4.73 -33.14 3.66
CA VAL B 262 5.89 -32.48 3.07
C VAL B 262 7.06 -33.39 3.15
N CYS B 263 7.30 -33.94 4.34
CA CYS B 263 8.44 -34.81 4.55
C CYS B 263 8.39 -36.01 3.65
N LEU B 264 7.18 -36.60 3.53
CA LEU B 264 7.09 -37.83 2.79
C LEU B 264 7.27 -37.49 1.31
N GLY B 265 6.76 -36.33 0.87
CA GLY B 265 6.85 -35.94 -0.51
C GLY B 265 8.32 -35.63 -0.88
N ILE B 266 9.10 -35.08 0.05
CA ILE B 266 10.52 -34.86 -0.26
C ILE B 266 11.28 -36.15 -0.27
N GLU B 267 10.95 -37.02 0.66
CA GLU B 267 11.56 -38.34 0.62
C GLU B 267 11.24 -39.09 -0.70
N LYS B 268 10.03 -38.91 -1.25
CA LYS B 268 9.66 -39.55 -2.47
C LYS B 268 10.11 -38.81 -3.74
N GLY B 269 10.87 -37.71 -3.61
CA GLY B 269 11.56 -37.13 -4.72
C GLY B 269 10.98 -35.85 -5.24
N CYS B 270 10.02 -35.24 -4.55
CA CYS B 270 9.44 -34.04 -5.09
C CYS B 270 10.38 -32.76 -4.98
N GLU B 271 10.26 -31.88 -5.96
CA GLU B 271 11.17 -30.75 -6.13
C GLU B 271 10.70 -29.45 -5.48
N PHE B 272 9.37 -29.30 -5.32
CA PHE B 272 8.68 -28.12 -4.78
C PHE B 272 7.57 -28.54 -3.81
N VAL B 273 7.34 -27.75 -2.75
CA VAL B 273 6.13 -27.93 -1.94
C VAL B 273 5.47 -26.57 -1.82
N ARG B 274 4.14 -26.60 -1.88
CA ARG B 274 3.28 -25.43 -1.93
C ARG B 274 2.62 -25.41 -0.57
N VAL B 275 2.97 -24.46 0.27
CA VAL B 275 2.65 -24.50 1.69
C VAL B 275 2.12 -23.16 2.22
N HIS B 276 1.34 -23.20 3.29
CA HIS B 276 0.89 -21.95 3.90
C HIS B 276 1.88 -21.55 4.98
N ASP B 277 2.29 -22.55 5.76
CA ASP B 277 3.11 -22.28 6.92
C ASP B 277 4.60 -22.37 6.48
N VAL B 278 5.08 -21.30 5.85
CA VAL B 278 6.41 -21.25 5.25
C VAL B 278 7.53 -21.46 6.27
N LYS B 279 7.48 -20.75 7.40
CA LYS B 279 8.61 -20.80 8.32
C LYS B 279 8.80 -22.25 8.77
N GLU B 280 7.72 -22.85 9.26
CA GLU B 280 7.75 -24.21 9.79
C GLU B 280 8.15 -25.20 8.66
N MET B 281 7.52 -25.08 7.50
CA MET B 281 7.79 -26.05 6.42
C MET B 281 9.19 -25.94 5.82
N SER B 282 9.74 -24.72 5.80
CA SER B 282 11.11 -24.50 5.40
C SER B 282 12.09 -25.24 6.23
N ARG B 283 11.98 -25.14 7.54
CA ARG B 283 12.84 -25.89 8.45
C ARG B 283 12.75 -27.41 8.26
N MET B 284 11.52 -27.91 8.11
CA MET B 284 11.32 -29.35 7.90
C MET B 284 11.95 -29.78 6.56
N ALA B 285 11.63 -29.08 5.49
CA ALA B 285 12.24 -29.33 4.17
C ALA B 285 13.77 -29.30 4.26
N LYS B 286 14.29 -28.28 4.91
CA LYS B 286 15.75 -28.14 5.02
C LYS B 286 16.38 -29.35 5.69
N MET B 287 15.74 -29.82 6.76
CA MET B 287 16.21 -30.96 7.52
C MET B 287 16.05 -32.28 6.74
N MET B 288 14.92 -32.46 6.06
CA MET B 288 14.79 -33.58 5.12
C MET B 288 15.86 -33.58 4.00
N ASP B 289 16.07 -32.43 3.35
CA ASP B 289 17.09 -32.32 2.28
C ASP B 289 18.39 -32.87 2.82
N ALA B 290 18.72 -32.53 4.06
CA ALA B 290 20.05 -32.90 4.62
C ALA B 290 20.10 -34.38 4.95
N MET B 291 18.95 -34.95 5.35
CA MET B 291 18.98 -36.37 5.67
C MET B 291 19.07 -37.17 4.39
N ILE B 292 18.32 -36.75 3.36
CA ILE B 292 18.34 -37.55 2.15
C ILE B 292 19.59 -37.27 1.27
N GLY B 293 20.29 -36.16 1.51
CA GLY B 293 21.52 -35.85 0.81
C GLY B 293 21.29 -35.04 -0.45
N LYS B 294 20.27 -34.17 -0.44
CA LYS B 294 19.92 -33.28 -1.56
C LYS B 294 20.96 -32.15 -1.67
S SO4 C . 0.12 23.45 -2.03
O1 SO4 C . -0.68 23.01 -0.90
O2 SO4 C . 1.07 22.40 -2.40
O3 SO4 C . -0.73 23.73 -3.19
O4 SO4 C . 0.86 24.67 -1.69
S SO4 D . 8.09 2.62 9.30
O1 SO4 D . 6.75 3.18 9.50
O2 SO4 D . 7.97 1.18 9.20
O3 SO4 D . 8.62 3.14 8.03
O4 SO4 D . 9.01 2.96 10.40
S SO4 E . 8.10 16.81 -4.59
O1 SO4 E . 7.76 17.12 -3.19
O2 SO4 E . 7.63 15.47 -4.95
O3 SO4 E . 7.39 17.77 -5.47
O4 SO4 E . 9.56 16.85 -4.75
S SO4 F . 3.49 29.17 -10.94
O1 SO4 F . 4.70 29.97 -11.17
O2 SO4 F . 2.46 30.09 -10.47
O3 SO4 F . 3.04 28.57 -12.19
O4 SO4 F . 3.75 28.12 -9.93
S SO4 G . 4.68 48.54 4.30
O1 SO4 G . 5.90 48.76 5.11
O2 SO4 G . 4.49 49.63 3.32
O3 SO4 G . 4.80 47.29 3.56
O4 SO4 G . 3.49 48.51 5.18
C2 PT1 H . -1.69 27.94 3.24
C3 PT1 H . -2.15 27.07 2.26
C5 PT1 H . -3.03 26.05 2.64
N6 PT1 H . -1.73 27.20 0.97
C7 PT1 H . -2.95 26.79 4.87
N9 PT1 H . -3.41 25.92 3.94
C10 PT1 H . -2.24 26.33 0.05
N11 PT1 H . -3.34 26.66 6.15
C12 PT1 H . -3.12 25.30 0.43
C21 PT1 H . 0.80 30.32 -5.93
O22 PT1 H . 0.56 31.53 -6.08
O1 PT1 H . -0.86 28.88 2.92
N4 PT1 H . -2.08 27.78 4.52
N8 PT1 H . -3.50 25.18 1.70
C13 PT1 H . -1.82 26.39 -1.39
N14 PT1 H . -2.34 27.46 -2.19
C15 PT1 H . -1.54 28.05 -3.11
C16 PT1 H . -0.49 27.41 -3.76
C17 PT1 H . -1.81 29.39 -3.38
C18 PT1 H . 0.27 28.14 -4.68
C19 PT1 H . -1.05 30.12 -4.29
C20 PT1 H . -0.01 29.49 -4.94
O23 PT1 H . 1.70 29.77 -6.58
S SO4 I . -5.37 -22.93 -0.79
O1 SO4 I . -4.65 -22.73 -2.05
O2 SO4 I . -5.28 -21.72 0.03
O3 SO4 I . -6.77 -23.24 -1.08
O4 SO4 I . -4.73 -24.04 -0.07
S SO4 J . 11.44 -4.72 2.77
O1 SO4 J . 10.49 -4.68 3.89
O2 SO4 J . 12.49 -5.67 3.14
O3 SO4 J . 10.77 -5.05 1.50
O4 SO4 J . 12.06 -3.42 2.60
S SO4 K . -2.55 -17.66 8.38
O1 SO4 K . -3.80 -18.23 7.87
O2 SO4 K . -2.77 -16.23 8.63
O3 SO4 K . -2.17 -18.30 9.65
O4 SO4 K . -1.49 -17.85 7.39
S SO4 L . -12.41 -29.01 5.71
O1 SO4 L . -13.08 -29.28 4.42
O2 SO4 L . -13.03 -27.86 6.36
O3 SO4 L . -12.53 -30.21 6.56
O4 SO4 L . -11.02 -28.64 5.51
S SO4 M . -0.70 -49.38 -2.01
O1 SO4 M . 0.74 -49.22 -2.28
O2 SO4 M . -1.45 -49.50 -3.28
O3 SO4 M . -0.90 -50.57 -1.17
O4 SO4 M . -1.17 -48.19 -1.32
C2 PT1 N . -2.19 -27.77 -5.51
C3 PT1 N . -3.09 -26.73 -5.33
C5 PT1 N . -3.03 -25.62 -6.17
N6 PT1 N . -4.03 -26.77 -4.35
C7 PT1 N . -1.19 -26.63 -7.29
N9 PT1 N . -2.08 -25.60 -7.15
C10 PT1 N . -4.91 -25.73 -4.20
N11 PT1 N . -0.26 -26.62 -8.25
C12 PT1 N . -4.84 -24.62 -5.04
C21 PT1 N . -9.52 -29.66 0.75
O22 PT1 N . -10.03 -30.77 0.46
O1 PT1 N . -2.21 -28.83 -4.73
N4 PT1 N . -1.25 -27.71 -6.47
N8 PT1 N . -3.93 -24.59 -6.01
C13 PT1 N . -5.94 -25.79 -3.10
N14 PT1 N . -7.05 -26.68 -3.38
C15 PT1 N . -7.64 -27.37 -2.36
C16 PT1 N . -7.54 -26.93 -1.03
C17 PT1 N . -8.35 -28.53 -2.65
C18 PT1 N . -8.15 -27.69 -0.02
C19 PT1 N . -8.97 -29.28 -1.65
C20 PT1 N . -8.87 -28.85 -0.33
O23 PT1 N . -9.52 -29.24 1.93
#